data_8PMV
#
_entry.id   8PMV
#
_cell.length_a   39.080
_cell.length_b   133.773
_cell.length_c   64.990
_cell.angle_alpha   90.00
_cell.angle_beta   92.74
_cell.angle_gamma   90.00
#
_symmetry.space_group_name_H-M   'P 1 21 1'
#
loop_
_entity.id
_entity.type
_entity.pdbx_description
1 polymer 'BarH-like 2 homeobox protein'
2 polymer DNA
3 polymer DNA
4 water water
#
loop_
_entity_poly.entity_id
_entity_poly.type
_entity_poly.pdbx_seq_one_letter_code
_entity_poly.pdbx_strand_id
1 'polypeptide(L)' KPRKARTAFSDHQLNQLERSFERQKYLSVQDRMDLAAALNLTDTQVKTWYQNRRTKWKRQTA A,D,G,J
2 'polydeoxyribonucleotide' (DC)(DG)(DC)(DT)(DA)(DA)(DG)(DC)(DG)(DG)(DT)(DT) B,E,H,K
3 'polydeoxyribonucleotide' (DA)(DA)(DC)(DC)(DG)(DC)(DT)(DT)(DA)(DG)(DC)(DG) C,F,I,L
#
# COMPACT_ATOMS: atom_id res chain seq x y z
N LYS A 1 22.92 0.71 21.38
CA LYS A 1 22.24 1.48 22.47
C LYS A 1 21.11 2.32 21.87
N PRO A 2 21.39 3.24 20.90
CA PRO A 2 20.35 4.14 20.37
C PRO A 2 19.17 3.43 19.67
N ARG A 3 17.98 3.59 20.23
CA ARG A 3 16.73 2.91 19.82
C ARG A 3 15.86 3.90 19.05
N LYS A 4 15.12 3.45 18.05
CA LYS A 4 14.03 4.27 17.43
C LYS A 4 12.90 4.49 18.47
N ALA A 5 12.30 5.67 18.50
CA ALA A 5 11.03 5.96 19.23
C ALA A 5 9.97 4.99 18.72
N ARG A 6 9.25 4.34 19.61
CA ARG A 6 8.06 3.52 19.25
C ARG A 6 7.02 4.38 18.51
N THR A 7 6.65 3.99 17.28
CA THR A 7 5.61 4.68 16.48
C THR A 7 4.26 4.46 17.14
N ALA A 8 3.47 5.52 17.28
CA ALA A 8 2.06 5.44 17.70
C ALA A 8 1.21 5.65 16.44
N PHE A 9 0.61 4.59 15.96
CA PHE A 9 -0.19 4.61 14.71
C PHE A 9 -1.54 5.21 14.99
N SER A 10 -1.99 6.13 14.16
CA SER A 10 -3.36 6.72 14.27
C SER A 10 -4.37 5.60 14.05
N ASP A 11 -5.58 5.74 14.58
CA ASP A 11 -6.69 4.80 14.32
C ASP A 11 -6.85 4.61 12.81
N HIS A 12 -6.81 5.69 12.02
CA HIS A 12 -6.92 5.64 10.54
C HIS A 12 -5.84 4.69 10.00
N GLN A 13 -4.59 4.91 10.37
CA GLN A 13 -3.45 4.09 9.91
C GLN A 13 -3.69 2.62 10.26
N LEU A 14 -4.03 2.32 11.52
CA LEU A 14 -4.24 0.92 11.97
C LEU A 14 -5.36 0.28 11.15
N ASN A 15 -6.41 1.05 10.91
CA ASN A 15 -7.58 0.57 10.15
C ASN A 15 -7.13 0.15 8.74
N GLN A 16 -6.33 0.99 8.08
CA GLN A 16 -5.92 0.78 6.66
C GLN A 16 -4.91 -0.38 6.60
N LEU A 17 -3.97 -0.40 7.52
CA LEU A 17 -2.98 -1.51 7.62
C LEU A 17 -3.76 -2.82 7.76
N GLU A 18 -4.75 -2.88 8.65
CA GLU A 18 -5.49 -4.15 8.88
C GLU A 18 -6.27 -4.53 7.61
N ARG A 19 -6.91 -3.55 6.96
CA ARG A 19 -7.64 -3.75 5.68
C ARG A 19 -6.67 -4.36 4.65
N SER A 20 -5.46 -3.84 4.55
CA SER A 20 -4.44 -4.30 3.58
C SER A 20 -4.07 -5.75 3.89
N PHE A 21 -3.87 -6.06 5.17
CA PHE A 21 -3.47 -7.41 5.62
C PHE A 21 -4.56 -8.43 5.26
N GLU A 22 -5.83 -8.07 5.32
CA GLU A 22 -6.95 -9.01 5.10
C GLU A 22 -7.10 -9.24 3.60
N ARG A 23 -6.72 -8.26 2.77
CA ARG A 23 -6.67 -8.36 1.28
C ARG A 23 -5.44 -9.20 0.86
N GLN A 24 -4.27 -8.95 1.47
CA GLN A 24 -2.95 -9.53 1.04
C GLN A 24 -2.09 -9.79 2.27
N LYS A 25 -1.69 -11.05 2.50
CA LYS A 25 -0.81 -11.42 3.62
C LYS A 25 0.62 -10.89 3.42
N TYR A 26 1.01 -10.61 2.19
CA TYR A 26 2.35 -10.08 1.82
C TYR A 26 2.18 -9.00 0.78
N LEU A 27 3.11 -8.04 0.79
CA LEU A 27 3.09 -6.90 -0.16
C LEU A 27 4.28 -6.96 -1.10
N SER A 28 4.06 -6.68 -2.37
CA SER A 28 5.17 -6.34 -3.30
C SER A 28 5.84 -5.07 -2.77
N VAL A 29 7.11 -4.86 -3.10
CA VAL A 29 7.85 -3.63 -2.75
C VAL A 29 6.97 -2.43 -3.12
N GLN A 30 6.34 -2.46 -4.30
CA GLN A 30 5.61 -1.29 -4.86
C GLN A 30 4.31 -1.06 -4.08
N ASP A 31 3.56 -2.11 -3.76
CA ASP A 31 2.32 -2.01 -2.92
C ASP A 31 2.69 -1.52 -1.52
N ARG A 32 3.84 -1.91 -1.00
CA ARG A 32 4.33 -1.48 0.33
C ARG A 32 4.62 0.02 0.24
N MET A 33 5.36 0.44 -0.78
CA MET A 33 5.69 1.86 -0.99
C MET A 33 4.39 2.68 -1.21
N ASP A 34 3.37 2.15 -1.88
CA ASP A 34 2.09 2.88 -2.14
C ASP A 34 1.30 3.04 -0.82
N LEU A 35 1.26 1.99 0.01
CA LEU A 35 0.55 2.00 1.31
C LEU A 35 1.25 2.98 2.26
N ALA A 36 2.57 2.88 2.43
CA ALA A 36 3.37 3.81 3.25
C ALA A 36 3.06 5.25 2.84
N ALA A 37 3.01 5.53 1.53
CA ALA A 37 2.75 6.87 0.97
C ALA A 37 1.32 7.30 1.34
N ALA A 38 0.34 6.42 1.20
CA ALA A 38 -1.09 6.72 1.44
C ALA A 38 -1.34 7.07 2.92
N LEU A 39 -0.57 6.48 3.84
CA LEU A 39 -0.77 6.57 5.30
C LEU A 39 0.29 7.47 5.93
N ASN A 40 1.03 8.21 5.13
CA ASN A 40 2.13 9.07 5.63
C ASN A 40 3.04 8.32 6.60
N LEU A 41 3.39 7.08 6.30
CA LEU A 41 4.35 6.25 7.09
C LEU A 41 5.63 6.04 6.28
N THR A 42 6.68 5.53 6.93
CA THR A 42 7.91 5.13 6.23
C THR A 42 7.68 3.72 5.67
N ASP A 43 8.37 3.42 4.57
CA ASP A 43 8.45 2.06 3.98
C ASP A 43 8.73 1.06 5.12
N THR A 44 9.72 1.32 5.97
CA THR A 44 10.16 0.32 6.98
C THR A 44 9.11 0.15 8.09
N GLN A 45 8.35 1.20 8.42
CA GLN A 45 7.27 1.10 9.44
C GLN A 45 6.20 0.16 8.91
N VAL A 46 5.83 0.34 7.64
CA VAL A 46 4.80 -0.56 7.04
C VAL A 46 5.42 -1.97 6.96
N LYS A 47 6.68 -2.09 6.56
CA LYS A 47 7.30 -3.45 6.45
C LYS A 47 7.27 -4.12 7.81
N THR A 48 7.66 -3.38 8.87
CA THR A 48 7.70 -3.93 10.24
C THR A 48 6.28 -4.31 10.71
N TRP A 49 5.29 -3.49 10.39
CA TRP A 49 3.88 -3.83 10.77
C TRP A 49 3.49 -5.16 10.10
N TYR A 50 3.63 -5.28 8.77
CA TYR A 50 3.33 -6.55 7.99
C TYR A 50 3.95 -7.69 8.79
N GLN A 51 5.23 -7.56 9.14
CA GLN A 51 5.96 -8.72 9.68
C GLN A 51 5.45 -9.11 11.06
N ASN A 52 5.27 -8.11 11.93
CA ASN A 52 4.63 -8.26 13.28
C ASN A 52 3.22 -8.80 13.10
N ARG A 53 2.51 -8.34 12.07
CA ARG A 53 1.11 -8.81 11.86
C ARG A 53 1.13 -10.29 11.41
N ARG A 54 2.11 -10.68 10.58
CA ARG A 54 2.22 -12.10 10.12
C ARG A 54 2.49 -13.01 11.33
N THR A 55 3.40 -12.61 12.22
CA THR A 55 3.72 -13.37 13.45
C THR A 55 2.46 -13.57 14.29
N LYS A 56 1.75 -12.47 14.53
CA LYS A 56 0.48 -12.51 15.30
C LYS A 56 -0.43 -13.53 14.62
N TRP A 57 -0.61 -13.40 13.32
CA TRP A 57 -1.52 -14.25 12.52
C TRP A 57 -1.20 -15.72 12.73
N LYS A 58 0.08 -16.08 12.81
CA LYS A 58 0.50 -17.50 12.95
C LYS A 58 0.21 -18.01 14.36
N ARG A 59 0.25 -17.14 15.36
CA ARG A 59 -0.08 -17.54 16.76
C ARG A 59 -1.58 -17.81 16.91
N GLN A 60 -2.42 -16.94 16.34
CA GLN A 60 -3.86 -16.93 16.69
C GLN A 60 -4.62 -17.95 15.84
N THR A 61 -3.97 -18.54 14.83
CA THR A 61 -4.53 -19.62 13.97
C THR A 61 -3.90 -20.98 14.30
N ALA A 62 -2.82 -21.00 15.09
CA ALA A 62 -2.03 -22.22 15.45
C ALA A 62 -2.57 -22.81 16.75
N PRO D 2 -14.89 -36.94 -16.12
CA PRO D 2 -15.06 -35.72 -16.93
C PRO D 2 -15.05 -34.43 -16.10
N ARG D 3 -14.11 -33.54 -16.41
CA ARG D 3 -13.76 -32.35 -15.60
C ARG D 3 -14.94 -31.38 -15.56
N LYS D 4 -15.21 -30.81 -14.40
CA LYS D 4 -16.43 -30.00 -14.12
C LYS D 4 -16.34 -28.68 -14.89
N ALA D 5 -17.47 -28.21 -15.42
CA ALA D 5 -17.60 -26.89 -16.09
C ALA D 5 -17.13 -25.80 -15.13
N ARG D 6 -16.21 -24.95 -15.57
CA ARG D 6 -15.69 -23.82 -14.76
C ARG D 6 -16.84 -22.84 -14.47
N THR D 7 -17.10 -22.57 -13.20
CA THR D 7 -18.04 -21.52 -12.72
C THR D 7 -17.56 -20.13 -13.17
N ALA D 8 -18.44 -19.33 -13.74
CA ALA D 8 -18.20 -17.89 -14.02
C ALA D 8 -19.00 -17.11 -12.98
N PHE D 9 -18.32 -16.52 -12.02
CA PHE D 9 -18.99 -15.75 -10.93
C PHE D 9 -19.40 -14.39 -11.45
N SER D 10 -20.63 -13.95 -11.16
CA SER D 10 -21.07 -12.56 -11.44
C SER D 10 -20.20 -11.57 -10.66
N ASP D 11 -20.06 -10.34 -11.12
CA ASP D 11 -19.38 -9.23 -10.38
C ASP D 11 -19.97 -9.15 -8.96
N HIS D 12 -21.30 -9.22 -8.82
CA HIS D 12 -22.01 -9.19 -7.52
C HIS D 12 -21.45 -10.29 -6.64
N GLN D 13 -21.45 -11.53 -7.13
CA GLN D 13 -20.96 -12.70 -6.35
C GLN D 13 -19.52 -12.47 -5.93
N LEU D 14 -18.64 -12.04 -6.83
CA LEU D 14 -17.20 -11.86 -6.51
C LEU D 14 -17.06 -10.80 -5.44
N ASN D 15 -17.85 -9.73 -5.54
CA ASN D 15 -17.84 -8.63 -4.55
C ASN D 15 -18.19 -9.20 -3.16
N GLN D 16 -19.22 -10.04 -3.07
CA GLN D 16 -19.73 -10.56 -1.78
C GLN D 16 -18.74 -11.57 -1.22
N LEU D 17 -18.25 -12.47 -2.07
CA LEU D 17 -17.22 -13.47 -1.70
C LEU D 17 -16.02 -12.71 -1.10
N GLU D 18 -15.56 -11.67 -1.76
CA GLU D 18 -14.34 -10.92 -1.33
C GLU D 18 -14.63 -10.23 0.00
N ARG D 19 -15.82 -9.61 0.14
CA ARG D 19 -16.26 -8.95 1.40
C ARG D 19 -16.19 -9.98 2.53
N SER D 20 -16.71 -11.19 2.30
CA SER D 20 -16.74 -12.25 3.33
C SER D 20 -15.30 -12.64 3.70
N PHE D 21 -14.45 -12.78 2.70
CA PHE D 21 -13.04 -13.20 2.87
C PHE D 21 -12.29 -12.19 3.72
N GLU D 22 -12.56 -10.89 3.58
CA GLU D 22 -11.79 -9.83 4.29
C GLU D 22 -12.27 -9.78 5.74
N ARG D 23 -13.52 -10.14 6.00
CA ARG D 23 -14.11 -10.22 7.35
C ARG D 23 -13.68 -11.53 8.04
N GLN D 24 -13.64 -12.66 7.32
CA GLN D 24 -13.28 -14.00 7.88
C GLN D 24 -12.49 -14.82 6.86
N LYS D 25 -11.27 -15.21 7.20
CA LYS D 25 -10.40 -16.06 6.36
C LYS D 25 -10.96 -17.49 6.25
N TYR D 26 -11.73 -17.94 7.24
CA TYR D 26 -12.30 -19.31 7.29
C TYR D 26 -13.75 -19.26 7.75
N LEU D 27 -14.52 -20.23 7.29
CA LEU D 27 -15.97 -20.33 7.53
C LEU D 27 -16.28 -21.65 8.22
N SER D 28 -17.14 -21.61 9.23
CA SER D 28 -17.89 -22.80 9.69
C SER D 28 -18.74 -23.32 8.54
N VAL D 29 -19.05 -24.60 8.57
CA VAL D 29 -19.99 -25.24 7.60
C VAL D 29 -21.21 -24.33 7.46
N GLN D 30 -21.78 -23.84 8.58
CA GLN D 30 -23.06 -23.09 8.57
C GLN D 30 -22.89 -21.72 7.90
N ASP D 31 -21.81 -20.97 8.19
CA ASP D 31 -21.52 -19.67 7.55
C ASP D 31 -21.28 -19.86 6.05
N ARG D 32 -20.66 -20.97 5.68
CA ARG D 32 -20.40 -21.30 4.25
C ARG D 32 -21.74 -21.56 3.58
N MET D 33 -22.59 -22.39 4.20
CA MET D 33 -23.94 -22.70 3.69
C MET D 33 -24.78 -21.42 3.60
N ASP D 34 -24.65 -20.46 4.54
CA ASP D 34 -25.45 -19.19 4.52
C ASP D 34 -24.98 -18.30 3.35
N LEU D 35 -23.68 -18.22 3.13
CA LEU D 35 -23.08 -17.39 2.06
C LEU D 35 -23.46 -17.98 0.69
N ALA D 36 -23.25 -19.28 0.49
CA ALA D 36 -23.68 -20.01 -0.73
C ALA D 36 -25.16 -19.71 -1.03
N ALA D 37 -26.00 -19.78 -0.01
CA ALA D 37 -27.47 -19.55 -0.11
C ALA D 37 -27.74 -18.11 -0.53
N ALA D 38 -27.02 -17.15 0.06
CA ALA D 38 -27.21 -15.70 -0.20
C ALA D 38 -26.88 -15.36 -1.65
N LEU D 39 -25.94 -16.08 -2.28
CA LEU D 39 -25.38 -15.75 -3.61
C LEU D 39 -25.87 -16.74 -4.65
N ASN D 40 -26.88 -17.56 -4.32
CA ASN D 40 -27.36 -18.63 -5.23
C ASN D 40 -26.19 -19.44 -5.80
N LEU D 41 -25.22 -19.81 -4.96
CA LEU D 41 -24.10 -20.71 -5.34
C LEU D 41 -24.25 -22.04 -4.60
N THR D 42 -23.47 -23.05 -5.00
CA THR D 42 -23.42 -24.34 -4.27
C THR D 42 -22.43 -24.17 -3.11
N ASP D 43 -22.66 -24.93 -2.04
CA ASP D 43 -21.71 -25.07 -0.92
C ASP D 43 -20.29 -25.28 -1.46
N THR D 44 -20.11 -26.20 -2.40
CA THR D 44 -18.78 -26.61 -2.92
C THR D 44 -18.11 -25.46 -3.67
N GLN D 45 -18.89 -24.71 -4.43
CA GLN D 45 -18.37 -23.55 -5.20
C GLN D 45 -17.79 -22.54 -4.22
N VAL D 46 -18.52 -22.25 -3.14
CA VAL D 46 -18.05 -21.26 -2.14
C VAL D 46 -16.83 -21.87 -1.46
N LYS D 47 -16.89 -23.15 -1.11
CA LYS D 47 -15.74 -23.80 -0.42
C LYS D 47 -14.51 -23.67 -1.31
N THR D 48 -14.65 -23.98 -2.59
CA THR D 48 -13.51 -23.95 -3.54
C THR D 48 -12.99 -22.53 -3.73
N TRP D 49 -13.89 -21.56 -3.82
CA TRP D 49 -13.49 -20.13 -3.88
C TRP D 49 -12.61 -19.78 -2.64
N TYR D 50 -13.13 -20.01 -1.42
CA TYR D 50 -12.41 -19.73 -0.13
C TYR D 50 -11.01 -20.30 -0.33
N GLN D 51 -10.92 -21.58 -0.74
CA GLN D 51 -9.62 -22.31 -0.68
C GLN D 51 -8.64 -21.70 -1.68
N ASN D 52 -9.11 -21.44 -2.91
CA ASN D 52 -8.31 -20.78 -3.97
C ASN D 52 -7.94 -19.39 -3.48
N ARG D 53 -8.89 -18.69 -2.84
CA ARG D 53 -8.63 -17.32 -2.35
C ARG D 53 -7.59 -17.36 -1.25
N ARG D 54 -7.62 -18.35 -0.36
CA ARG D 54 -6.67 -18.47 0.78
C ARG D 54 -5.24 -18.61 0.20
N THR D 55 -5.07 -19.48 -0.79
CA THR D 55 -3.76 -19.70 -1.47
C THR D 55 -3.24 -18.39 -2.07
N LYS D 56 -4.09 -17.72 -2.82
CA LYS D 56 -3.73 -16.41 -3.40
C LYS D 56 -3.28 -15.47 -2.25
N TRP D 57 -4.09 -15.39 -1.21
CA TRP D 57 -3.84 -14.49 -0.05
C TRP D 57 -2.44 -14.74 0.52
N LYS D 58 -1.99 -16.01 0.58
CA LYS D 58 -0.71 -16.29 1.28
C LYS D 58 0.46 -16.11 0.31
N ARG D 59 0.27 -15.58 -0.90
CA ARG D 59 1.26 -15.67 -2.00
C ARG D 59 2.47 -14.75 -1.80
N GLN D 60 3.62 -15.24 -2.24
CA GLN D 60 4.86 -14.49 -2.64
C GLN D 60 5.64 -14.08 -1.39
N THR D 61 5.58 -14.92 -0.34
CA THR D 61 6.31 -14.79 0.94
C THR D 61 7.44 -13.78 0.79
N LYS G 1 6.80 -1.56 -12.61
CA LYS G 1 7.98 -0.65 -12.79
C LYS G 1 8.60 -0.30 -11.44
N PRO G 2 8.81 -1.25 -10.49
CA PRO G 2 9.12 -0.93 -9.09
C PRO G 2 10.44 -0.19 -8.83
N ARG G 3 10.40 0.93 -8.11
CA ARG G 3 11.63 1.56 -7.53
C ARG G 3 12.23 0.60 -6.50
N LYS G 4 13.55 0.47 -6.45
CA LYS G 4 14.28 -0.16 -5.32
C LYS G 4 14.03 0.65 -4.03
N ALA G 5 13.91 -0.02 -2.89
CA ALA G 5 13.88 0.53 -1.53
C ALA G 5 15.08 1.46 -1.36
N ARG G 6 14.87 2.68 -0.90
CA ARG G 6 15.97 3.57 -0.46
C ARG G 6 16.79 2.92 0.66
N THR G 7 18.09 2.71 0.42
CA THR G 7 19.07 2.21 1.42
C THR G 7 19.22 3.29 2.49
N ALA G 8 19.19 2.91 3.77
CA ALA G 8 19.59 3.81 4.88
C ALA G 8 20.97 3.33 5.35
N PHE G 9 21.99 4.10 5.05
CA PHE G 9 23.38 3.78 5.40
C PHE G 9 23.63 4.02 6.88
N SER G 10 24.21 3.07 7.59
CA SER G 10 24.67 3.25 8.99
C SER G 10 25.70 4.39 9.03
N ASP G 11 25.84 5.04 10.19
CA ASP G 11 26.89 6.06 10.43
C ASP G 11 28.26 5.47 10.08
N HIS G 12 28.52 4.22 10.47
CA HIS G 12 29.79 3.51 10.15
C HIS G 12 29.98 3.52 8.63
N GLN G 13 28.98 3.07 7.88
CA GLN G 13 29.06 3.00 6.41
C GLN G 13 29.38 4.39 5.85
N LEU G 14 28.64 5.42 6.28
CA LEU G 14 28.81 6.80 5.75
C LEU G 14 30.25 7.25 6.02
N ASN G 15 30.74 6.94 7.21
CA ASN G 15 32.10 7.34 7.64
C ASN G 15 33.14 6.73 6.69
N GLN G 16 33.00 5.44 6.37
CA GLN G 16 33.99 4.70 5.55
C GLN G 16 33.89 5.16 4.10
N LEU G 17 32.66 5.30 3.60
CA LEU G 17 32.41 5.82 2.24
C LEU G 17 33.10 7.18 2.10
N GLU G 18 32.90 8.08 3.08
CA GLU G 18 33.44 9.46 2.98
C GLU G 18 34.97 9.39 3.01
N ARG G 19 35.53 8.57 3.92
CA ARG G 19 37.00 8.36 4.04
C ARG G 19 37.53 7.94 2.66
N SER G 20 36.86 7.00 2.00
CA SER G 20 37.32 6.42 0.70
C SER G 20 37.30 7.53 -0.34
N PHE G 21 36.22 8.33 -0.35
CA PHE G 21 36.04 9.42 -1.34
C PHE G 21 37.16 10.43 -1.20
N GLU G 22 37.62 10.74 0.01
CA GLU G 22 38.60 11.85 0.20
C GLU G 22 39.99 11.32 -0.18
N ARG G 23 40.22 10.02 -0.06
CA ARG G 23 41.47 9.33 -0.50
C ARG G 23 41.46 9.12 -2.02
N GLN G 24 40.33 8.75 -2.62
CA GLN G 24 40.20 8.45 -4.08
C GLN G 24 38.85 8.93 -4.59
N LYS G 25 38.82 9.88 -5.52
CA LYS G 25 37.56 10.39 -6.15
C LYS G 25 36.92 9.34 -7.05
N TYR G 26 37.70 8.39 -7.56
CA TYR G 26 37.22 7.30 -8.45
C TYR G 26 37.80 5.98 -7.97
N LEU G 27 37.05 4.89 -8.13
CA LEU G 27 37.46 3.53 -7.70
C LEU G 27 37.56 2.60 -8.91
N SER G 28 38.57 1.76 -8.96
CA SER G 28 38.61 0.60 -9.86
C SER G 28 37.45 -0.33 -9.46
N VAL G 29 36.99 -1.13 -10.41
CA VAL G 29 35.99 -2.20 -10.17
C VAL G 29 36.38 -2.94 -8.89
N GLN G 30 37.66 -3.32 -8.76
CA GLN G 30 38.16 -4.20 -7.67
C GLN G 30 38.09 -3.47 -6.32
N ASP G 31 38.52 -2.20 -6.25
CA ASP G 31 38.47 -1.36 -5.03
C ASP G 31 37.01 -1.14 -4.61
N ARG G 32 36.13 -0.99 -5.58
CA ARG G 32 34.67 -0.79 -5.34
C ARG G 32 34.12 -2.08 -4.74
N MET G 33 34.44 -3.23 -5.35
CA MET G 33 34.00 -4.54 -4.86
C MET G 33 34.57 -4.80 -3.45
N ASP G 34 35.80 -4.38 -3.15
CA ASP G 34 36.43 -4.61 -1.82
C ASP G 34 35.74 -3.74 -0.75
N LEU G 35 35.41 -2.49 -1.09
CA LEU G 35 34.74 -1.53 -0.18
C LEU G 35 33.31 -2.01 0.10
N ALA G 36 32.54 -2.35 -0.93
CA ALA G 36 31.18 -2.93 -0.78
C ALA G 36 31.23 -4.13 0.17
N ALA G 37 32.23 -5.00 0.01
CA ALA G 37 32.41 -6.23 0.83
C ALA G 37 32.70 -5.82 2.28
N ALA G 38 33.56 -4.84 2.49
CA ALA G 38 34.01 -4.41 3.83
C ALA G 38 32.84 -3.78 4.63
N LEU G 39 31.88 -3.16 3.94
CA LEU G 39 30.75 -2.39 4.54
C LEU G 39 29.45 -3.16 4.41
N ASN G 40 29.50 -4.42 4.02
CA ASN G 40 28.26 -5.23 3.79
C ASN G 40 27.24 -4.44 2.96
N LEU G 41 27.69 -3.83 1.88
CA LEU G 41 26.83 -3.16 0.87
C LEU G 41 26.92 -3.93 -0.44
N THR G 42 26.05 -3.61 -1.39
CA THR G 42 26.11 -4.14 -2.75
C THR G 42 27.14 -3.30 -3.55
N ASP G 43 27.75 -3.91 -4.54
CA ASP G 43 28.60 -3.23 -5.54
C ASP G 43 27.87 -1.98 -6.03
N THR G 44 26.61 -2.12 -6.45
CA THR G 44 25.82 -1.05 -7.09
C THR G 44 25.57 0.11 -6.09
N GLN G 45 25.32 -0.23 -4.81
CA GLN G 45 25.08 0.80 -3.76
C GLN G 45 26.34 1.65 -3.63
N VAL G 46 27.52 1.00 -3.60
CA VAL G 46 28.78 1.75 -3.46
C VAL G 46 28.97 2.55 -4.74
N LYS G 47 28.73 1.95 -5.91
CA LYS G 47 28.92 2.68 -7.19
C LYS G 47 28.03 3.91 -7.17
N THR G 48 26.74 3.75 -6.82
CA THR G 48 25.78 4.87 -6.82
C THR G 48 26.17 5.93 -5.77
N TRP G 49 26.66 5.52 -4.62
CA TRP G 49 27.11 6.52 -3.59
C TRP G 49 28.26 7.35 -4.21
N TYR G 50 29.33 6.70 -4.71
CA TYR G 50 30.48 7.38 -5.37
C TYR G 50 29.85 8.42 -6.30
N GLN G 51 28.95 8.00 -7.16
CA GLN G 51 28.50 8.85 -8.28
C GLN G 51 27.72 10.06 -7.77
N ASN G 52 26.78 9.84 -6.84
CA ASN G 52 26.04 10.93 -6.13
C ASN G 52 27.05 11.81 -5.41
N ARG G 53 28.06 11.21 -4.77
CA ARG G 53 29.07 12.01 -4.02
C ARG G 53 29.88 12.87 -5.00
N ARG G 54 30.20 12.33 -6.18
CA ARG G 54 30.98 13.10 -7.21
C ARG G 54 30.15 14.30 -7.68
N THR G 55 28.87 14.11 -7.95
CA THR G 55 27.93 15.19 -8.37
C THR G 55 27.93 16.30 -7.32
N LYS G 56 27.76 15.92 -6.05
CA LYS G 56 27.78 16.88 -4.94
C LYS G 56 29.10 17.64 -5.01
N TRP G 57 30.21 16.90 -5.07
CA TRP G 57 31.58 17.48 -5.08
C TRP G 57 31.72 18.50 -6.20
N LYS G 58 31.12 18.28 -7.37
CA LYS G 58 31.26 19.20 -8.53
C LYS G 58 30.41 20.45 -8.31
N ARG G 59 29.30 20.33 -7.60
CA ARG G 59 28.38 21.48 -7.32
C ARG G 59 29.07 22.43 -6.35
N GLN G 60 29.78 21.91 -5.35
CA GLN G 60 30.40 22.71 -4.28
C GLN G 60 31.74 23.29 -4.73
N THR G 61 32.19 23.01 -5.96
CA THR G 61 33.54 23.37 -6.47
C THR G 61 33.53 24.58 -7.43
N ALA G 62 32.38 24.99 -7.98
CA ALA G 62 32.22 26.30 -8.65
C ALA G 62 30.75 26.72 -8.63
N PRO J 2 -16.52 -4.21 -15.58
CA PRO J 2 -16.32 -4.31 -14.10
C PRO J 2 -16.51 -2.98 -13.33
N ARG J 3 -17.46 -2.98 -12.40
CA ARG J 3 -17.87 -1.76 -11.62
C ARG J 3 -16.70 -1.31 -10.75
N LYS J 4 -16.43 -0.01 -10.69
CA LYS J 4 -15.35 0.55 -9.82
C LYS J 4 -15.76 0.39 -8.34
N ALA J 5 -14.80 0.07 -7.47
CA ALA J 5 -14.96 -0.01 -6.01
C ALA J 5 -15.58 1.31 -5.50
N ARG J 6 -16.63 1.23 -4.71
CA ARG J 6 -17.24 2.41 -4.05
C ARG J 6 -16.21 3.07 -3.12
N THR J 7 -15.93 4.35 -3.34
CA THR J 7 -15.11 5.21 -2.44
C THR J 7 -15.81 5.33 -1.08
N ALA J 8 -15.08 5.16 0.01
CA ALA J 8 -15.54 5.55 1.37
C ALA J 8 -14.81 6.84 1.73
N PHE J 9 -15.52 7.96 1.72
CA PHE J 9 -14.96 9.30 1.99
C PHE J 9 -14.68 9.44 3.48
N SER J 10 -13.51 9.92 3.87
CA SER J 10 -13.20 10.26 5.28
C SER J 10 -14.16 11.37 5.74
N ASP J 11 -14.42 11.46 7.04
CA ASP J 11 -15.30 12.54 7.58
C ASP J 11 -14.68 13.88 7.22
N HIS J 12 -13.34 14.04 7.22
CA HIS J 12 -12.66 15.28 6.77
C HIS J 12 -13.11 15.61 5.34
N GLN J 13 -12.99 14.65 4.43
CA GLN J 13 -13.36 14.84 3.01
C GLN J 13 -14.83 15.27 2.92
N LEU J 14 -15.74 14.56 3.59
CA LEU J 14 -17.20 14.85 3.52
C LEU J 14 -17.42 16.28 4.00
N ASN J 15 -16.73 16.66 5.08
CA ASN J 15 -16.87 18.01 5.69
C ASN J 15 -16.49 19.07 4.65
N GLN J 16 -15.37 18.88 3.95
CA GLN J 16 -14.82 19.89 3.00
C GLN J 16 -15.71 19.93 1.76
N LEU J 17 -16.09 18.77 1.24
CA LEU J 17 -17.00 18.67 0.08
C LEU J 17 -18.28 19.44 0.42
N GLU J 18 -18.87 19.22 1.59
CA GLU J 18 -20.16 19.84 1.96
C GLU J 18 -19.98 21.36 2.08
N ARG J 19 -18.87 21.80 2.70
CA ARG J 19 -18.53 23.24 2.84
C ARG J 19 -18.49 23.85 1.44
N SER J 20 -17.82 23.19 0.50
CA SER J 20 -17.64 23.70 -0.89
C SER J 20 -19.02 23.81 -1.55
N PHE J 21 -19.85 22.80 -1.38
CA PHE J 21 -21.19 22.72 -2.01
C PHE J 21 -22.06 23.88 -1.52
N GLU J 22 -21.96 24.27 -0.26
CA GLU J 22 -22.84 25.31 0.33
C GLU J 22 -22.37 26.69 -0.16
N ARG J 23 -21.07 26.83 -0.44
CA ARG J 23 -20.45 28.05 -1.00
C ARG J 23 -20.72 28.14 -2.51
N GLN J 24 -20.60 27.04 -3.25
CA GLN J 24 -20.78 27.00 -4.74
C GLN J 24 -21.46 25.69 -5.16
N LYS J 25 -22.63 25.77 -5.81
CA LYS J 25 -23.37 24.59 -6.32
C LYS J 25 -22.64 23.96 -7.52
N TYR J 26 -21.79 24.71 -8.22
CA TYR J 26 -21.01 24.21 -9.37
C TYR J 26 -19.57 24.70 -9.28
N LEU J 27 -18.64 23.92 -9.80
CA LEU J 27 -17.19 24.21 -9.74
C LEU J 27 -16.63 24.36 -11.16
N SER J 28 -15.81 25.38 -11.38
CA SER J 28 -14.93 25.46 -12.57
C SER J 28 -14.01 24.25 -12.56
N VAL J 29 -13.53 23.86 -13.74
CA VAL J 29 -12.52 22.78 -13.90
C VAL J 29 -11.45 22.98 -12.83
N GLN J 30 -10.94 24.21 -12.70
CA GLN J 30 -9.75 24.53 -11.88
C GLN J 30 -10.08 24.41 -10.39
N ASP J 31 -11.24 24.91 -9.94
CA ASP J 31 -11.70 24.76 -8.53
C ASP J 31 -11.91 23.29 -8.19
N ARG J 32 -12.41 22.51 -9.15
CA ARG J 32 -12.64 21.06 -8.96
C ARG J 32 -11.28 20.38 -8.80
N MET J 33 -10.34 20.68 -9.69
CA MET J 33 -8.96 20.12 -9.64
C MET J 33 -8.27 20.54 -8.33
N ASP J 34 -8.49 21.77 -7.83
CA ASP J 34 -7.83 22.26 -6.58
C ASP J 34 -8.42 21.54 -5.36
N LEU J 35 -9.74 21.33 -5.34
CA LEU J 35 -10.45 20.64 -4.23
C LEU J 35 -10.03 19.17 -4.19
N ALA J 36 -10.08 18.46 -5.34
CA ALA J 36 -9.60 17.06 -5.44
C ALA J 36 -8.17 16.96 -4.88
N ALA J 37 -7.30 17.90 -5.24
CA ALA J 37 -5.89 17.94 -4.80
C ALA J 37 -5.83 18.14 -3.28
N ALA J 38 -6.63 19.04 -2.74
CA ALA J 38 -6.62 19.41 -1.29
C ALA J 38 -7.07 18.21 -0.43
N LEU J 39 -7.95 17.35 -0.96
CA LEU J 39 -8.61 16.25 -0.21
C LEU J 39 -8.02 14.91 -0.60
N ASN J 40 -6.92 14.89 -1.35
CA ASN J 40 -6.33 13.63 -1.85
C ASN J 40 -7.40 12.76 -2.51
N LEU J 41 -8.28 13.35 -3.32
CA LEU J 41 -9.28 12.61 -4.13
C LEU J 41 -8.93 12.73 -5.62
N THR J 42 -9.57 11.95 -6.47
CA THR J 42 -9.44 12.08 -7.95
C THR J 42 -10.40 13.18 -8.41
N ASP J 43 -10.05 13.84 -9.50
CA ASP J 43 -10.92 14.79 -10.20
C ASP J 43 -12.32 14.19 -10.36
N THR J 44 -12.40 12.95 -10.84
CA THR J 44 -13.68 12.26 -11.17
C THR J 44 -14.52 12.03 -9.90
N GLN J 45 -13.86 11.66 -8.81
CA GLN J 45 -14.54 11.41 -7.52
C GLN J 45 -15.22 12.71 -7.07
N VAL J 46 -14.51 13.82 -7.16
CA VAL J 46 -15.07 15.13 -6.75
C VAL J 46 -16.19 15.45 -7.74
N LYS J 47 -15.97 15.25 -9.03
CA LYS J 47 -17.02 15.57 -10.04
C LYS J 47 -18.27 14.77 -9.70
N THR J 48 -18.11 13.47 -9.46
CA THR J 48 -19.26 12.57 -9.17
C THR J 48 -19.94 12.97 -7.86
N TRP J 49 -19.19 13.34 -6.83
CA TRP J 49 -19.77 13.83 -5.56
C TRP J 49 -20.66 15.05 -5.86
N TYR J 50 -20.09 16.11 -6.49
CA TYR J 50 -20.83 17.35 -6.86
C TYR J 50 -22.16 16.87 -7.46
N GLN J 51 -22.09 15.98 -8.44
CA GLN J 51 -23.26 15.67 -9.29
C GLN J 51 -24.32 14.94 -8.46
N ASN J 52 -23.91 13.94 -7.69
CA ASN J 52 -24.77 13.20 -6.73
C ASN J 52 -25.34 14.21 -5.72
N ARG J 53 -24.50 15.12 -5.23
CA ARG J 53 -24.97 16.12 -4.24
C ARG J 53 -25.99 17.07 -4.87
N ARG J 54 -25.80 17.46 -6.14
CA ARG J 54 -26.76 18.35 -6.86
C ARG J 54 -28.11 17.65 -6.98
N THR J 55 -28.14 16.37 -7.35
CA THR J 55 -29.38 15.56 -7.45
C THR J 55 -30.10 15.55 -6.11
N LYS J 56 -29.38 15.26 -5.05
CA LYS J 56 -29.94 15.28 -3.68
C LYS J 56 -30.55 16.65 -3.43
N TRP J 57 -29.79 17.70 -3.68
CA TRP J 57 -30.21 19.11 -3.48
C TRP J 57 -31.53 19.38 -4.21
N LYS J 58 -31.73 18.83 -5.41
CA LYS J 58 -32.95 19.11 -6.21
C LYS J 58 -34.14 18.33 -5.65
N ARG J 59 -33.91 17.22 -4.95
CA ARG J 59 -34.99 16.45 -4.26
C ARG J 59 -35.58 17.29 -3.11
N GLN J 60 -34.80 18.10 -2.38
CA GLN J 60 -35.31 18.92 -1.23
C GLN J 60 -35.90 20.25 -1.73
#